data_6MIL
#
_entry.id   6MIL
#
_cell.length_a   123.989
_cell.length_b   44.913
_cell.length_c   70.804
_cell.angle_alpha   90.00
_cell.angle_beta   95.54
_cell.angle_gamma   90.00
#
_symmetry.space_group_name_H-M   'C 1 2 1'
#
loop_
_entity.id
_entity.type
_entity.pdbx_description
1 polymer 'Protein AF-9'
2 polymer 'Histone H3K9bu'
3 non-polymer DI(HYDROXYETHYL)ETHER
4 non-polymer 'MALONATE ION'
5 water water
#
loop_
_entity_poly.entity_id
_entity_poly.type
_entity_poly.pdbx_seq_one_letter_code
_entity_poly.pdbx_strand_id
1 'polypeptide(L)'
;GSHMASSCAVQVKLELGHRAQVRKKPTVEGFTHDWMVFVRGPEHSNIQHFVEKVVFHLHESFPRPKRVCKDPPYKVEESG
YAGFILPIEVYFKNKEEPRKVRFDYDLFLHLEGHPPVNHLRCEKLTFNNPTEDFRRKLLKA
;
A,C
2 'polypeptide(L)' ARTKQTAR(BTK)STGGKAPRKQ B,D
#
# COMPACT_ATOMS: atom_id res chain seq x y z
N MET A 4 -4.74 -14.98 6.91
CA MET A 4 -4.12 -14.00 6.02
C MET A 4 -4.86 -12.67 5.97
N ALA A 5 -4.69 -11.87 7.03
CA ALA A 5 -5.44 -10.62 7.18
C ALA A 5 -4.83 -9.45 6.40
N SER A 6 -3.50 -9.40 6.29
CA SER A 6 -2.83 -8.21 5.77
C SER A 6 -3.21 -7.98 4.31
N SER A 7 -3.11 -6.71 3.90
CA SER A 7 -3.37 -6.33 2.53
C SER A 7 -2.44 -5.17 2.18
N CYS A 8 -2.25 -4.98 0.88
CA CYS A 8 -1.20 -4.09 0.41
C CYS A 8 -1.66 -3.43 -0.88
N ALA A 9 -1.47 -2.12 -0.96
CA ALA A 9 -1.67 -1.37 -2.21
C ALA A 9 -0.32 -0.76 -2.57
N VAL A 10 0.09 -0.95 -3.81
CA VAL A 10 1.37 -0.47 -4.32
C VAL A 10 1.09 0.55 -5.41
N GLN A 11 1.67 1.74 -5.28
CA GLN A 11 1.62 2.75 -6.33
C GLN A 11 2.99 2.88 -6.99
N VAL A 12 3.00 3.05 -8.31
CA VAL A 12 4.22 3.36 -9.04
C VAL A 12 3.93 4.55 -9.96
N LYS A 13 4.90 5.47 -10.03
CA LYS A 13 4.79 6.66 -10.87
C LYS A 13 5.45 6.40 -12.22
N LEU A 14 4.79 6.80 -13.29
CA LEU A 14 5.36 6.75 -14.62
C LEU A 14 5.45 8.17 -15.16
N GLU A 15 6.48 8.41 -15.95
CA GLU A 15 6.59 9.66 -16.70
C GLU A 15 6.48 9.35 -18.17
N LEU A 16 5.50 9.96 -18.85
CA LEU A 16 5.37 9.93 -20.28
C LEU A 16 5.71 11.31 -20.81
N GLY A 17 6.34 11.37 -21.96
CA GLY A 17 6.65 12.69 -22.46
C GLY A 17 7.22 12.64 -23.85
N HIS A 18 7.47 13.82 -24.40
CA HIS A 18 8.08 13.84 -25.71
C HIS A 18 8.72 15.18 -25.94
N ARG A 19 9.72 15.19 -26.82
N ARG A 19 9.72 15.19 -26.82
CA ARG A 19 10.32 16.40 -27.34
CA ARG A 19 10.34 16.40 -27.33
C ARG A 19 10.06 16.46 -28.84
C ARG A 19 10.10 16.45 -28.84
N ALA A 20 9.97 17.67 -29.36
CA ALA A 20 9.79 17.86 -30.80
C ALA A 20 10.43 19.17 -31.19
N GLN A 21 11.21 19.15 -32.25
CA GLN A 21 11.91 20.34 -32.70
C GLN A 21 11.91 20.39 -34.22
N VAL A 22 11.79 21.59 -34.75
CA VAL A 22 11.81 21.78 -36.19
C VAL A 22 13.21 21.47 -36.70
N ARG A 23 13.29 20.69 -37.76
CA ARG A 23 14.57 20.41 -38.38
C ARG A 23 15.11 21.67 -39.06
N LYS A 24 16.40 21.93 -38.89
CA LYS A 24 17.05 23.00 -39.64
C LYS A 24 16.77 22.84 -41.14
N LYS A 25 16.95 21.64 -41.66
CA LYS A 25 16.65 21.31 -43.05
C LYS A 25 15.61 20.19 -43.06
N PRO A 26 14.45 20.38 -43.68
CA PRO A 26 13.47 19.29 -43.78
C PRO A 26 14.09 18.06 -44.44
N THR A 27 13.48 16.90 -44.20
CA THR A 27 13.93 15.71 -44.88
C THR A 27 13.42 15.70 -46.33
N VAL A 28 13.82 14.66 -47.08
CA VAL A 28 13.45 14.55 -48.48
C VAL A 28 11.94 14.38 -48.62
N GLU A 29 11.33 13.59 -47.74
CA GLU A 29 9.90 13.35 -47.76
C GLU A 29 9.10 14.59 -47.36
N GLY A 30 9.76 15.66 -46.94
CA GLY A 30 9.06 16.80 -46.38
C GLY A 30 8.80 16.74 -44.89
N PHE A 31 9.52 15.88 -44.15
CA PHE A 31 9.37 15.86 -42.69
C PHE A 31 10.05 17.09 -42.10
N THR A 32 9.29 17.88 -41.36
CA THR A 32 9.76 19.15 -40.84
C THR A 32 10.28 19.07 -39.41
N HIS A 33 9.96 18.01 -38.68
CA HIS A 33 10.23 17.91 -37.25
C HIS A 33 10.97 16.62 -36.94
N ASP A 34 11.89 16.70 -35.98
CA ASP A 34 12.41 15.53 -35.28
C ASP A 34 11.73 15.43 -33.92
N TRP A 35 11.30 14.23 -33.56
CA TRP A 35 10.66 14.09 -32.27
C TRP A 35 11.03 12.78 -31.61
N MET A 36 10.87 12.76 -30.29
CA MET A 36 11.19 11.60 -29.47
C MET A 36 10.16 11.52 -28.38
N VAL A 37 9.54 10.34 -28.22
CA VAL A 37 8.52 10.09 -27.21
C VAL A 37 9.07 8.99 -26.31
N PHE A 38 8.67 9.00 -25.02
CA PHE A 38 9.27 8.08 -24.06
C PHE A 38 8.32 7.75 -22.93
N VAL A 39 8.65 6.65 -22.24
CA VAL A 39 8.07 6.26 -20.97
C VAL A 39 9.24 5.93 -20.06
N ARG A 40 9.24 6.52 -18.86
CA ARG A 40 10.31 6.28 -17.92
C ARG A 40 9.75 6.39 -16.50
N GLY A 41 10.59 6.05 -15.53
CA GLY A 41 10.30 6.34 -14.16
C GLY A 41 10.80 7.71 -13.78
N PRO A 42 10.24 8.29 -12.73
CA PRO A 42 10.74 9.58 -12.25
C PRO A 42 12.15 9.44 -11.72
N GLU A 43 12.87 10.57 -11.73
CA GLU A 43 14.17 10.68 -11.09
C GLU A 43 15.08 9.52 -11.46
N HIS A 44 15.03 9.15 -12.73
CA HIS A 44 15.84 8.09 -13.32
C HIS A 44 15.66 6.72 -12.66
N SER A 45 14.60 6.54 -11.85
CA SER A 45 14.27 5.23 -11.28
C SER A 45 14.15 4.18 -12.37
N ASN A 46 14.21 2.89 -12.02
CA ASN A 46 14.35 1.81 -13.00
C ASN A 46 13.04 1.04 -13.05
N ILE A 47 12.20 1.36 -14.04
CA ILE A 47 10.93 0.68 -14.19
C ILE A 47 11.06 -0.66 -14.90
N GLN A 48 12.25 -1.03 -15.36
CA GLN A 48 12.40 -2.35 -15.97
C GLN A 48 12.13 -3.47 -14.96
N HIS A 49 12.18 -3.17 -13.66
CA HIS A 49 11.88 -4.20 -12.67
C HIS A 49 10.48 -4.76 -12.84
N PHE A 50 9.52 -3.92 -13.23
CA PHE A 50 8.15 -4.42 -13.39
C PHE A 50 7.59 -4.25 -14.79
N VAL A 51 8.27 -3.55 -15.69
CA VAL A 51 7.80 -3.37 -17.06
C VAL A 51 8.37 -4.47 -17.93
N GLU A 52 7.49 -5.25 -18.58
CA GLU A 52 7.94 -6.24 -19.55
C GLU A 52 8.35 -5.56 -20.86
N LYS A 53 7.48 -4.73 -21.42
CA LYS A 53 7.78 -4.00 -22.64
C LYS A 53 6.87 -2.80 -22.72
N VAL A 54 7.25 -1.86 -23.57
CA VAL A 54 6.42 -0.70 -23.88
C VAL A 54 6.22 -0.69 -25.39
N VAL A 55 4.96 -0.61 -25.80
CA VAL A 55 4.59 -0.63 -27.21
C VAL A 55 4.05 0.75 -27.54
N PHE A 56 4.70 1.42 -28.50
CA PHE A 56 4.27 2.69 -29.05
C PHE A 56 3.57 2.45 -30.38
N HIS A 57 2.31 2.86 -30.47
CA HIS A 57 1.51 2.65 -31.67
C HIS A 57 1.51 3.98 -32.41
N LEU A 58 2.34 4.07 -33.43
CA LEU A 58 2.50 5.29 -34.22
C LEU A 58 1.37 5.41 -35.24
N HIS A 59 1.19 6.63 -35.78
CA HIS A 59 0.15 6.83 -36.78
C HIS A 59 0.34 5.87 -37.94
N GLU A 60 -0.79 5.47 -38.54
CA GLU A 60 -0.77 4.52 -39.66
C GLU A 60 0.05 5.01 -40.84
N SER A 61 0.36 6.31 -40.93
CA SER A 61 1.23 6.79 -42.00
C SER A 61 2.68 6.39 -41.80
N PHE A 62 3.07 5.98 -40.61
CA PHE A 62 4.45 5.56 -40.37
C PHE A 62 4.65 4.12 -40.83
N PRO A 63 5.81 3.80 -41.40
CA PRO A 63 6.13 2.39 -41.66
C PRO A 63 6.40 1.68 -40.33
N ARG A 64 6.07 0.38 -40.30
CA ARG A 64 6.11 -0.45 -39.10
C ARG A 64 5.62 0.30 -37.85
N PRO A 65 4.35 0.73 -37.82
CA PRO A 65 3.91 1.69 -36.79
C PRO A 65 3.90 1.15 -35.36
N LYS A 66 3.84 -0.16 -35.16
CA LYS A 66 3.86 -0.74 -33.83
C LYS A 66 5.32 -0.87 -33.41
N ARG A 67 5.78 0.05 -32.58
CA ARG A 67 7.18 0.06 -32.16
C ARG A 67 7.29 -0.54 -30.76
N VAL A 68 8.03 -1.63 -30.64
CA VAL A 68 8.14 -2.39 -29.40
C VAL A 68 9.50 -2.11 -28.77
N CYS A 69 9.49 -1.73 -27.50
CA CYS A 69 10.71 -1.56 -26.70
C CYS A 69 10.65 -2.61 -25.58
N LYS A 70 11.42 -3.68 -25.74
CA LYS A 70 11.50 -4.67 -24.68
C LYS A 70 12.47 -4.27 -23.58
N ASP A 71 13.34 -3.31 -23.84
CA ASP A 71 14.37 -2.91 -22.90
C ASP A 71 14.46 -1.39 -22.86
N PRO A 72 14.89 -0.81 -21.73
CA PRO A 72 15.02 0.66 -21.69
C PRO A 72 16.16 1.11 -22.60
N PRO A 73 16.13 2.37 -23.05
CA PRO A 73 15.05 3.31 -22.77
C PRO A 73 13.80 2.99 -23.58
N TYR A 74 12.65 3.23 -22.97
CA TYR A 74 11.38 2.99 -23.65
C TYR A 74 11.08 4.27 -24.42
N LYS A 75 11.52 4.31 -25.67
CA LYS A 75 11.36 5.52 -26.43
C LYS A 75 11.40 5.21 -27.91
N VAL A 76 10.87 6.15 -28.69
CA VAL A 76 10.91 6.11 -30.14
C VAL A 76 11.36 7.48 -30.63
N GLU A 77 12.37 7.49 -31.50
CA GLU A 77 12.82 8.71 -32.17
C GLU A 77 12.41 8.65 -33.63
N GLU A 78 11.69 9.67 -34.10
CA GLU A 78 11.21 9.70 -35.47
C GLU A 78 11.31 11.11 -36.04
N SER A 79 10.98 11.19 -37.32
CA SER A 79 10.77 12.45 -38.01
C SER A 79 9.40 12.40 -38.68
N GLY A 80 8.80 13.57 -38.83
CA GLY A 80 7.48 13.65 -39.42
C GLY A 80 7.09 15.08 -39.71
N TYR A 81 5.83 15.26 -40.05
CA TYR A 81 5.33 16.57 -40.43
C TYR A 81 4.12 17.02 -39.62
N ALA A 82 3.53 16.15 -38.80
CA ALA A 82 2.28 16.50 -38.14
C ALA A 82 2.16 15.72 -36.84
N GLY A 83 1.44 16.29 -35.87
CA GLY A 83 1.19 15.60 -34.62
C GLY A 83 0.01 14.63 -34.73
N PHE A 84 -0.20 13.87 -33.65
CA PHE A 84 -1.23 12.84 -33.70
C PHE A 84 -1.38 12.18 -32.33
N ILE A 85 -2.43 11.39 -32.19
CA ILE A 85 -2.64 10.61 -30.97
C ILE A 85 -1.85 9.31 -31.10
N LEU A 86 -0.98 9.05 -30.13
CA LEU A 86 -0.07 7.91 -30.13
C LEU A 86 -0.43 6.98 -28.97
N PRO A 87 -1.17 5.90 -29.20
CA PRO A 87 -1.49 4.98 -28.09
C PRO A 87 -0.23 4.27 -27.61
N ILE A 88 -0.03 4.26 -26.29
CA ILE A 88 1.11 3.63 -25.65
C ILE A 88 0.59 2.59 -24.68
N GLU A 89 1.11 1.36 -24.77
CA GLU A 89 0.80 0.28 -23.83
C GLU A 89 2.04 -0.09 -23.04
N VAL A 90 1.90 -0.10 -21.72
CA VAL A 90 2.95 -0.54 -20.84
C VAL A 90 2.55 -1.94 -20.37
N TYR A 91 3.32 -2.96 -20.76
CA TYR A 91 3.10 -4.34 -20.32
C TYR A 91 3.89 -4.61 -19.04
N PHE A 92 3.31 -5.39 -18.14
CA PHE A 92 3.88 -5.63 -16.82
C PHE A 92 4.49 -7.03 -16.71
N LYS A 93 5.49 -7.17 -15.84
CA LYS A 93 6.10 -8.46 -15.55
C LYS A 93 5.17 -9.21 -14.58
N ASN A 94 4.00 -9.53 -15.11
CA ASN A 94 2.82 -9.93 -14.36
C ASN A 94 2.29 -11.23 -14.94
N LYS A 95 1.80 -12.11 -14.08
CA LYS A 95 1.17 -13.32 -14.57
C LYS A 95 -0.35 -13.20 -14.63
N GLU A 96 -0.92 -12.15 -14.06
CA GLU A 96 -2.36 -12.01 -13.94
C GLU A 96 -2.74 -10.59 -14.37
N GLU A 97 -3.96 -10.19 -14.02
CA GLU A 97 -4.38 -8.81 -14.23
C GLU A 97 -3.69 -7.87 -13.25
N PRO A 98 -3.41 -6.63 -13.71
CA PRO A 98 -3.53 -6.29 -15.13
C PRO A 98 -2.27 -6.69 -15.88
N ARG A 99 -2.38 -7.19 -17.12
CA ARG A 99 -1.15 -7.47 -17.83
C ARG A 99 -0.54 -6.22 -18.44
N LYS A 100 -1.34 -5.16 -18.62
CA LYS A 100 -0.86 -3.97 -19.30
C LYS A 100 -1.76 -2.79 -18.94
N VAL A 101 -1.29 -1.59 -19.27
CA VAL A 101 -2.06 -0.36 -19.14
C VAL A 101 -1.84 0.43 -20.42
N ARG A 102 -2.85 1.20 -20.83
CA ARG A 102 -2.81 1.94 -22.09
C ARG A 102 -3.01 3.44 -21.85
N PHE A 103 -2.26 4.25 -22.58
CA PHE A 103 -2.42 5.70 -22.56
C PHE A 103 -2.47 6.21 -23.99
N ASP A 104 -3.46 7.06 -24.29
CA ASP A 104 -3.49 7.80 -25.54
C ASP A 104 -2.59 9.02 -25.36
N TYR A 105 -1.40 8.97 -25.93
CA TYR A 105 -0.47 10.07 -25.77
C TYR A 105 -0.63 11.04 -26.94
N ASP A 106 -0.73 12.33 -26.61
CA ASP A 106 -0.87 13.39 -27.60
C ASP A 106 0.54 13.82 -28.03
N LEU A 107 1.00 13.26 -29.14
CA LEU A 107 2.29 13.61 -29.72
C LEU A 107 2.08 14.86 -30.57
N PHE A 108 2.11 16.03 -29.92
CA PHE A 108 1.89 17.27 -30.63
C PHE A 108 3.22 17.94 -31.00
N LEU A 109 3.17 18.74 -32.06
CA LEU A 109 4.33 19.45 -32.55
C LEU A 109 4.01 20.94 -32.60
N HIS A 110 5.01 21.78 -32.39
CA HIS A 110 4.84 23.22 -32.49
C HIS A 110 5.38 23.72 -33.81
N LEU A 111 4.71 24.73 -34.37
CA LEU A 111 5.08 25.28 -35.66
C LEU A 111 6.48 25.88 -35.62
N GLU A 112 7.11 25.95 -36.80
CA GLU A 112 8.35 26.70 -36.95
C GLU A 112 8.15 28.12 -36.45
N GLY A 113 9.10 28.59 -35.64
CA GLY A 113 8.99 29.90 -35.05
C GLY A 113 8.55 29.89 -33.61
N HIS A 114 8.19 28.73 -33.06
CA HIS A 114 7.91 28.55 -31.65
C HIS A 114 8.96 27.66 -31.03
N PRO A 115 9.13 27.74 -29.70
CA PRO A 115 10.15 26.93 -29.05
C PRO A 115 9.87 25.45 -29.25
N PRO A 116 10.88 24.60 -29.13
CA PRO A 116 10.65 23.17 -29.27
C PRO A 116 9.70 22.70 -28.18
N VAL A 117 9.03 21.60 -28.45
CA VAL A 117 8.16 20.96 -27.46
C VAL A 117 9.03 20.16 -26.51
N ASN A 118 8.76 20.31 -25.21
CA ASN A 118 9.40 19.48 -24.20
C ASN A 118 8.29 19.21 -23.17
N HIS A 119 7.61 18.10 -23.33
CA HIS A 119 6.36 17.88 -22.61
C HIS A 119 6.51 16.69 -21.66
N LEU A 120 5.97 16.85 -20.45
CA LEU A 120 6.04 15.82 -19.42
C LEU A 120 4.65 15.56 -18.88
N ARG A 121 4.29 14.28 -18.80
CA ARG A 121 2.98 13.82 -18.36
C ARG A 121 3.21 12.76 -17.30
N CYS A 122 2.85 13.06 -16.06
CA CYS A 122 3.02 12.10 -14.98
C CYS A 122 1.76 11.28 -14.83
N GLU A 123 1.93 9.98 -14.61
CA GLU A 123 0.81 9.09 -14.33
C GLU A 123 1.16 8.23 -13.13
N LYS A 124 0.14 7.92 -12.33
CA LYS A 124 0.25 7.05 -11.18
C LYS A 124 -0.47 5.74 -11.48
N LEU A 125 0.14 4.63 -11.10
CA LEU A 125 -0.47 3.33 -11.25
C LEU A 125 -0.64 2.71 -9.87
N THR A 126 -1.80 2.13 -9.61
CA THR A 126 -2.10 1.50 -8.33
C THR A 126 -2.37 0.01 -8.53
N PHE A 127 -1.68 -0.82 -7.76
CA PHE A 127 -1.91 -2.25 -7.73
C PHE A 127 -2.34 -2.64 -6.32
N ASN A 128 -3.57 -3.11 -6.18
CA ASN A 128 -4.09 -3.57 -4.90
C ASN A 128 -3.81 -5.06 -4.78
N ASN A 129 -3.19 -5.46 -3.67
CA ASN A 129 -2.86 -6.84 -3.38
C ASN A 129 -2.25 -7.59 -4.57
N PRO A 130 -1.16 -7.07 -5.15
CA PRO A 130 -0.48 -7.82 -6.21
C PRO A 130 0.08 -9.13 -5.67
N THR A 131 0.40 -10.04 -6.59
CA THR A 131 1.05 -11.27 -6.17
C THR A 131 2.37 -10.93 -5.50
N GLU A 132 2.81 -11.82 -4.62
CA GLU A 132 4.09 -11.60 -3.94
C GLU A 132 5.21 -11.34 -4.95
N ASP A 133 5.26 -12.11 -6.04
CA ASP A 133 6.32 -11.92 -7.01
C ASP A 133 6.23 -10.54 -7.65
N PHE A 134 5.04 -10.13 -8.08
CA PHE A 134 4.89 -8.83 -8.70
C PHE A 134 5.15 -7.71 -7.70
N ARG A 135 4.70 -7.90 -6.46
CA ARG A 135 4.92 -6.88 -5.44
C ARG A 135 6.41 -6.57 -5.30
N ARG A 136 7.23 -7.61 -5.22
CA ARG A 136 8.66 -7.39 -5.03
C ARG A 136 9.28 -6.73 -6.25
N LYS A 137 8.77 -7.03 -7.45
CA LYS A 137 9.22 -6.36 -8.66
C LYS A 137 8.85 -4.87 -8.64
N LEU A 138 7.58 -4.58 -8.37
CA LEU A 138 7.11 -3.21 -8.24
C LEU A 138 7.98 -2.41 -7.28
N LEU A 139 8.30 -2.99 -6.14
CA LEU A 139 8.96 -2.25 -5.07
C LEU A 139 10.47 -2.14 -5.27
N LYS A 140 11.04 -2.79 -6.28
CA LYS A 140 12.41 -2.49 -6.65
C LYS A 140 12.52 -1.21 -7.47
N ALA A 141 11.42 -0.73 -8.03
CA ALA A 141 11.42 0.45 -8.90
C ALA A 141 11.27 1.74 -8.09
N LYS B 4 -0.63 27.61 -32.99
CA LYS B 4 0.64 27.31 -32.32
C LYS B 4 1.12 25.88 -32.55
N GLN B 5 0.18 24.94 -32.62
CA GLN B 5 0.53 23.60 -33.06
C GLN B 5 0.60 23.53 -34.58
N THR B 6 1.35 22.54 -35.08
CA THR B 6 1.29 22.14 -36.47
C THR B 6 -0.07 21.52 -36.78
N ALA B 7 -0.29 21.19 -38.05
CA ALA B 7 -1.44 20.39 -38.41
C ALA B 7 -1.31 18.99 -37.82
N ARG B 8 -2.41 18.27 -37.83
CA ARG B 8 -2.48 16.95 -37.20
C ARG B 8 -2.99 15.90 -38.16
N SER B 10 -5.06 12.09 -38.49
CA SER B 10 -5.90 11.04 -37.87
C SER B 10 -6.41 10.06 -38.92
N HIS C 3 12.79 9.25 -4.46
CA HIS C 3 13.66 8.86 -5.57
C HIS C 3 13.21 7.55 -6.21
N MET C 4 12.44 6.77 -5.45
CA MET C 4 11.88 5.53 -5.95
C MET C 4 10.62 5.80 -6.75
N ALA C 5 10.43 5.03 -7.82
CA ALA C 5 9.17 5.12 -8.55
C ALA C 5 7.99 4.60 -7.71
N SER C 6 8.24 3.70 -6.76
CA SER C 6 7.19 2.96 -6.10
C SER C 6 6.97 3.41 -4.65
N SER C 7 5.74 3.25 -4.17
CA SER C 7 5.40 3.43 -2.76
C SER C 7 4.34 2.40 -2.42
N CYS C 8 4.07 2.26 -1.12
CA CYS C 8 3.02 1.32 -0.77
C CYS C 8 2.50 1.63 0.63
N ALA C 9 1.26 1.20 0.84
CA ALA C 9 0.63 1.19 2.15
C ALA C 9 0.24 -0.25 2.45
N VAL C 10 0.54 -0.72 3.65
CA VAL C 10 0.18 -2.07 4.08
C VAL C 10 -0.84 -1.94 5.21
N GLN C 11 -1.95 -2.66 5.09
CA GLN C 11 -2.98 -2.66 6.10
C GLN C 11 -3.00 -4.01 6.79
N VAL C 12 -3.14 -4.00 8.12
CA VAL C 12 -3.30 -5.24 8.88
C VAL C 12 -4.47 -5.10 9.86
N LYS C 13 -5.00 -6.24 10.26
CA LYS C 13 -6.19 -6.31 11.10
C LYS C 13 -5.83 -6.90 12.46
N LEU C 14 -6.25 -6.23 13.51
CA LEU C 14 -6.16 -6.74 14.88
C LEU C 14 -7.57 -6.91 15.42
N GLU C 15 -7.76 -7.90 16.26
CA GLU C 15 -9.01 -8.06 16.99
C GLU C 15 -8.69 -7.88 18.47
N LEU C 16 -9.33 -6.92 19.11
CA LEU C 16 -9.29 -6.78 20.55
C LEU C 16 -10.61 -7.28 21.07
N GLY C 17 -10.58 -7.88 22.26
CA GLY C 17 -11.85 -8.38 22.75
C GLY C 17 -11.72 -8.87 24.17
N HIS C 18 -12.86 -9.21 24.76
CA HIS C 18 -12.83 -9.78 26.10
C HIS C 18 -14.13 -10.51 26.37
N ARG C 19 -14.04 -11.42 27.32
CA ARG C 19 -15.17 -12.16 27.83
C ARG C 19 -15.25 -11.90 29.33
N ALA C 20 -16.47 -11.87 29.85
CA ALA C 20 -16.63 -11.60 31.28
C ALA C 20 -17.85 -12.34 31.77
N GLN C 21 -17.68 -13.16 32.80
CA GLN C 21 -18.74 -14.04 33.26
C GLN C 21 -18.88 -13.90 34.77
N VAL C 22 -20.12 -13.82 35.25
CA VAL C 22 -20.35 -13.81 36.68
C VAL C 22 -19.99 -15.18 37.23
N ARG C 23 -19.19 -15.20 38.29
CA ARG C 23 -18.76 -16.46 38.89
C ARG C 23 -19.93 -17.14 39.57
N LYS C 24 -19.90 -18.48 39.60
CA LYS C 24 -20.89 -19.21 40.37
C LYS C 24 -20.87 -18.75 41.82
N LYS C 25 -19.70 -18.51 42.37
CA LYS C 25 -19.58 -17.94 43.69
C LYS C 25 -18.51 -16.84 43.69
N PRO C 26 -18.80 -15.69 44.24
CA PRO C 26 -17.76 -14.66 44.36
C PRO C 26 -16.63 -15.15 45.24
N THR C 27 -15.41 -14.69 44.94
CA THR C 27 -14.27 -15.06 45.78
C THR C 27 -14.37 -14.34 47.13
N VAL C 28 -13.49 -14.76 48.06
CA VAL C 28 -13.53 -14.14 49.38
C VAL C 28 -13.10 -12.69 49.31
N GLU C 29 -12.36 -12.31 48.26
CA GLU C 29 -12.00 -10.91 48.08
C GLU C 29 -13.19 -10.05 47.66
N GLY C 30 -14.28 -10.68 47.24
CA GLY C 30 -15.39 -9.96 46.66
C GLY C 30 -15.41 -9.93 45.15
N PHE C 31 -14.51 -10.66 44.49
CA PHE C 31 -14.48 -10.73 43.03
C PHE C 31 -15.72 -11.46 42.53
N THR C 32 -16.56 -10.77 41.77
CA THR C 32 -17.81 -11.33 41.28
C THR C 32 -17.70 -11.94 39.89
N HIS C 33 -16.63 -11.64 39.16
CA HIS C 33 -16.52 -11.90 37.73
C HIS C 33 -15.18 -12.52 37.40
N ASP C 34 -15.18 -13.45 36.44
CA ASP C 34 -13.96 -13.88 35.78
C ASP C 34 -13.98 -13.27 34.39
N TRP C 35 -12.84 -12.73 33.96
CA TRP C 35 -12.78 -12.16 32.63
C TRP C 35 -11.42 -12.43 32.01
N MET C 36 -11.38 -12.27 30.69
CA MET C 36 -10.19 -12.48 29.90
C MET C 36 -10.25 -11.47 28.76
N VAL C 37 -9.20 -10.69 28.61
CA VAL C 37 -9.06 -9.73 27.51
C VAL C 37 -7.92 -10.20 26.63
N PHE C 38 -8.01 -9.91 25.33
CA PHE C 38 -7.04 -10.46 24.40
C PHE C 38 -6.84 -9.51 23.24
N VAL C 39 -5.73 -9.71 22.57
CA VAL C 39 -5.46 -9.19 21.24
C VAL C 39 -5.04 -10.38 20.38
N ARG C 40 -5.58 -10.46 19.16
CA ARG C 40 -5.31 -11.59 18.29
C ARG C 40 -5.52 -11.15 16.85
N GLY C 41 -4.94 -11.90 15.92
CA GLY C 41 -5.26 -11.77 14.53
C GLY C 41 -6.60 -12.41 14.23
N PRO C 42 -7.24 -12.00 13.15
CA PRO C 42 -8.49 -12.66 12.75
C PRO C 42 -8.21 -14.05 12.19
N GLU C 43 -9.27 -14.88 12.21
CA GLU C 43 -9.24 -16.25 11.72
C GLU C 43 -7.91 -16.92 12.03
N HIS C 44 -7.15 -17.24 11.00
CA HIS C 44 -5.91 -18.00 11.18
C HIS C 44 -4.65 -17.14 11.11
N SER C 45 -4.78 -15.87 10.75
CA SER C 45 -3.64 -14.94 10.73
C SER C 45 -2.87 -14.99 12.04
N ASN C 46 -1.54 -14.93 11.95
CA ASN C 46 -0.65 -14.86 13.11
C ASN C 46 -0.04 -13.47 13.21
N ILE C 47 -0.48 -12.68 14.20
CA ILE C 47 0.08 -11.34 14.33
C ILE C 47 1.49 -11.37 14.92
N GLN C 48 1.96 -12.51 15.43
CA GLN C 48 3.31 -12.59 15.96
C GLN C 48 4.38 -12.38 14.89
N HIS C 49 4.03 -12.48 13.60
CA HIS C 49 4.97 -12.10 12.55
C HIS C 49 5.42 -10.64 12.70
N PHE C 50 4.51 -9.77 13.13
CA PHE C 50 4.85 -8.35 13.25
C PHE C 50 4.68 -7.77 14.65
N VAL C 51 4.15 -8.53 15.60
CA VAL C 51 3.96 -8.04 16.96
C VAL C 51 5.13 -8.48 17.82
N GLU C 52 5.83 -7.52 18.42
N GLU C 52 5.82 -7.53 18.42
CA GLU C 52 6.89 -7.85 19.36
CA GLU C 52 6.88 -7.85 19.37
C GLU C 52 6.32 -8.28 20.72
C GLU C 52 6.32 -8.28 20.72
N LYS C 53 5.32 -7.56 21.22
CA LYS C 53 4.71 -7.83 22.51
C LYS C 53 3.46 -6.99 22.63
N VAL C 54 2.59 -7.39 23.55
CA VAL C 54 1.37 -6.65 23.88
C VAL C 54 1.39 -6.42 25.38
N VAL C 55 1.21 -5.16 25.76
CA VAL C 55 1.25 -4.75 27.16
C VAL C 55 -0.14 -4.31 27.55
N PHE C 56 -0.71 -4.98 28.55
CA PHE C 56 -2.02 -4.65 29.10
C PHE C 56 -1.80 -3.88 30.40
N HIS C 57 -2.29 -2.65 30.46
CA HIS C 57 -2.16 -1.82 31.67
C HIS C 57 -3.45 -1.92 32.47
N LEU C 58 -3.48 -2.85 33.44
CA LEU C 58 -4.66 -3.02 34.28
C LEU C 58 -4.87 -1.83 35.20
N HIS C 59 -6.09 -1.70 35.68
CA HIS C 59 -6.39 -0.75 36.74
C HIS C 59 -5.43 -0.98 37.90
N GLU C 60 -5.06 0.12 38.55
CA GLU C 60 -4.03 0.09 39.57
C GLU C 60 -4.39 -0.77 40.77
N SER C 61 -5.67 -1.13 40.94
CA SER C 61 -6.08 -2.06 41.98
C SER C 61 -5.54 -3.47 41.77
N PHE C 62 -5.14 -3.80 40.60
CA PHE C 62 -4.60 -5.15 40.42
C PHE C 62 -3.12 -5.18 40.74
N PRO C 63 -2.65 -6.26 41.37
CA PRO C 63 -1.20 -6.44 41.55
C PRO C 63 -0.52 -6.58 40.20
N ARG C 64 0.76 -6.18 40.16
CA ARG C 64 1.59 -6.17 38.96
C ARG C 64 0.76 -5.69 37.77
N PRO C 65 0.18 -4.48 37.83
CA PRO C 65 -0.86 -4.13 36.87
C PRO C 65 -0.36 -3.95 35.43
N LYS C 66 0.95 -3.91 35.19
CA LYS C 66 1.46 -3.89 33.81
C LYS C 66 1.75 -5.33 33.39
N ARG C 67 0.87 -5.91 32.58
CA ARG C 67 0.99 -7.30 32.17
C ARG C 67 1.52 -7.37 30.73
N VAL C 68 2.69 -7.98 30.57
CA VAL C 68 3.37 -8.08 29.28
C VAL C 68 3.21 -9.48 28.72
N CYS C 69 2.77 -9.59 27.46
CA CYS C 69 2.79 -10.83 26.69
C CYS C 69 3.75 -10.67 25.51
N LYS C 70 4.90 -11.32 25.59
CA LYS C 70 5.85 -11.36 24.48
C LYS C 70 5.51 -12.46 23.48
N ASP C 71 4.56 -13.32 23.80
CA ASP C 71 4.22 -14.44 22.94
C ASP C 71 2.71 -14.62 22.97
N PRO C 72 2.15 -15.16 21.89
CA PRO C 72 0.73 -15.47 21.94
C PRO C 72 0.48 -16.66 22.86
N PRO C 73 -0.71 -16.75 23.45
CA PRO C 73 -1.78 -15.77 23.27
C PRO C 73 -1.50 -14.46 24.01
N TYR C 74 -1.79 -13.34 23.36
CA TYR C 74 -1.66 -12.04 24.02
C TYR C 74 -2.93 -11.79 24.81
N LYS C 75 -2.91 -12.11 26.10
CA LYS C 75 -4.12 -12.05 26.89
C LYS C 75 -3.78 -11.86 28.36
N VAL C 76 -4.79 -11.41 29.11
CA VAL C 76 -4.80 -11.45 30.57
C VAL C 76 -6.10 -12.11 31.02
N GLU C 77 -5.99 -13.07 31.93
CA GLU C 77 -7.14 -13.67 32.59
C GLU C 77 -7.13 -13.22 34.05
N GLU C 78 -8.25 -12.67 34.51
CA GLU C 78 -8.30 -12.14 35.84
C GLU C 78 -9.69 -12.37 36.42
N SER C 79 -9.81 -12.08 37.71
CA SER C 79 -11.08 -11.96 38.39
C SER C 79 -11.16 -10.59 39.04
N GLY C 80 -12.36 -10.06 39.14
CA GLY C 80 -12.54 -8.74 39.67
C GLY C 80 -14.01 -8.45 39.89
N TYR C 81 -14.28 -7.20 40.25
CA TYR C 81 -15.65 -6.79 40.60
C TYR C 81 -16.13 -5.54 39.86
N ALA C 82 -15.30 -4.86 39.08
CA ALA C 82 -15.71 -3.62 38.43
C ALA C 82 -15.03 -3.46 37.07
N GLY C 83 -15.73 -2.78 36.15
CA GLY C 83 -15.13 -2.45 34.87
C GLY C 83 -14.20 -1.24 34.98
N PHE C 84 -13.43 -1.02 33.92
CA PHE C 84 -12.41 0.05 33.93
C PHE C 84 -11.87 0.19 32.52
N ILE C 85 -11.29 1.35 32.22
CA ILE C 85 -10.59 1.51 30.95
C ILE C 85 -9.22 0.88 31.06
N LEU C 86 -8.81 0.19 29.99
CA LEU C 86 -7.63 -0.67 30.03
C LEU C 86 -6.74 -0.35 28.82
N PRO C 87 -5.73 0.49 28.99
CA PRO C 87 -4.83 0.81 27.87
C PRO C 87 -4.05 -0.43 27.45
N ILE C 88 -4.04 -0.68 26.14
CA ILE C 88 -3.30 -1.80 25.55
C ILE C 88 -2.30 -1.22 24.55
N GLU C 89 -1.03 -1.57 24.70
CA GLU C 89 0.01 -1.21 23.74
C GLU C 89 0.45 -2.43 22.94
N VAL C 90 0.38 -2.32 21.62
CA VAL C 90 0.88 -3.37 20.73
C VAL C 90 2.22 -2.87 20.18
N TYR C 91 3.30 -3.57 20.52
CA TYR C 91 4.64 -3.22 20.06
C TYR C 91 4.98 -4.00 18.80
N PHE C 92 5.73 -3.37 17.90
CA PHE C 92 6.00 -3.89 16.57
C PHE C 92 7.44 -4.38 16.45
N LYS C 93 7.61 -5.43 15.65
CA LYS C 93 8.92 -5.91 15.24
C LYS C 93 9.45 -4.99 14.14
N ASN C 94 9.50 -3.70 14.47
CA ASN C 94 9.91 -2.60 13.59
C ASN C 94 11.06 -1.86 14.25
N LYS C 95 11.97 -1.32 13.44
CA LYS C 95 13.08 -0.53 13.96
C LYS C 95 12.91 0.97 13.71
N GLU C 96 12.12 1.35 12.71
CA GLU C 96 11.70 2.74 12.58
C GLU C 96 10.34 2.93 13.28
N GLU C 97 9.98 4.18 13.49
CA GLU C 97 8.61 4.54 13.83
C GLU C 97 7.68 4.01 12.74
N PRO C 98 6.49 3.54 13.13
CA PRO C 98 5.97 3.46 14.49
C PRO C 98 6.43 2.21 15.24
N ARG C 99 6.81 2.38 16.49
CA ARG C 99 7.28 1.27 17.30
C ARG C 99 6.12 0.54 17.98
N LYS C 100 4.98 1.19 18.11
CA LYS C 100 3.85 0.65 18.86
C LYS C 100 2.60 1.47 18.54
N VAL C 101 1.45 0.91 18.89
CA VAL C 101 0.17 1.60 18.84
C VAL C 101 -0.56 1.33 20.16
N ARG C 102 -1.38 2.28 20.58
CA ARG C 102 -2.11 2.17 21.84
C ARG C 102 -3.62 2.19 21.59
N PHE C 103 -4.35 1.29 22.25
CA PHE C 103 -5.80 1.34 22.28
C PHE C 103 -6.26 1.41 23.72
N ASP C 104 -7.26 2.25 23.98
CA ASP C 104 -7.88 2.31 25.30
C ASP C 104 -9.09 1.38 25.25
N TYR C 105 -8.95 0.20 25.86
CA TYR C 105 -9.96 -0.85 25.76
C TYR C 105 -10.91 -0.78 26.95
N ASP C 106 -12.21 -0.82 26.67
CA ASP C 106 -13.23 -0.73 27.71
C ASP C 106 -13.47 -2.14 28.25
N LEU C 107 -12.87 -2.44 29.39
CA LEU C 107 -13.08 -3.73 30.05
C LEU C 107 -14.33 -3.57 30.91
N PHE C 108 -15.49 -3.82 30.32
CA PHE C 108 -16.74 -3.68 31.05
C PHE C 108 -17.27 -5.05 31.47
N LEU C 109 -18.05 -5.05 32.55
CA LEU C 109 -18.64 -6.27 33.10
C LEU C 109 -20.15 -6.12 33.10
N HIS C 110 -20.87 -7.19 32.75
CA HIS C 110 -22.32 -7.18 32.83
C HIS C 110 -22.79 -7.65 34.21
N LEU C 111 -23.86 -7.03 34.70
CA LEU C 111 -24.42 -7.36 36.00
C LEU C 111 -24.91 -8.80 36.06
N GLU C 112 -25.00 -9.33 37.27
CA GLU C 112 -25.65 -10.61 37.47
C GLU C 112 -27.10 -10.54 36.99
N GLY C 113 -27.54 -11.61 36.32
CA GLY C 113 -28.84 -11.64 35.71
C GLY C 113 -28.84 -11.32 34.24
N HIS C 114 -27.71 -10.87 33.71
CA HIS C 114 -27.54 -10.55 32.32
C HIS C 114 -26.56 -11.52 31.65
N PRO C 115 -26.66 -11.72 30.34
CA PRO C 115 -25.73 -12.61 29.64
C PRO C 115 -24.28 -12.22 29.91
N PRO C 116 -23.35 -13.17 29.79
CA PRO C 116 -21.95 -12.81 29.91
C PRO C 116 -21.52 -11.87 28.78
N VAL C 117 -20.43 -11.16 29.00
CA VAL C 117 -19.87 -10.33 27.95
C VAL C 117 -19.09 -11.22 27.01
N ASN C 118 -19.29 -11.02 25.71
CA ASN C 118 -18.42 -11.63 24.69
C ASN C 118 -18.19 -10.54 23.64
N HIS C 119 -17.22 -9.67 23.89
CA HIS C 119 -17.07 -8.47 23.09
C HIS C 119 -15.93 -8.61 22.11
N LEU C 120 -16.09 -8.03 20.92
CA LEU C 120 -15.06 -8.05 19.89
C LEU C 120 -14.93 -6.66 19.31
N ARG C 121 -13.71 -6.17 19.22
CA ARG C 121 -13.40 -4.85 18.68
C ARG C 121 -12.37 -5.03 17.57
N CYS C 122 -12.76 -4.71 16.34
CA CYS C 122 -11.89 -4.88 15.17
C CYS C 122 -11.18 -3.57 14.86
N GLU C 123 -9.85 -3.64 14.78
CA GLU C 123 -9.01 -2.48 14.48
C GLU C 123 -8.20 -2.75 13.22
N LYS C 124 -8.13 -1.74 12.35
CA LYS C 124 -7.28 -1.76 11.15
C LYS C 124 -6.10 -0.83 11.35
N LEU C 125 -4.91 -1.34 11.09
CA LEU C 125 -3.70 -0.53 11.11
C LEU C 125 -3.23 -0.36 9.67
N THR C 126 -2.88 0.88 9.30
CA THR C 126 -2.27 1.15 8.00
C THR C 126 -0.88 1.73 8.22
N PHE C 127 0.11 1.12 7.56
CA PHE C 127 1.50 1.57 7.59
C PHE C 127 1.87 2.05 6.20
N ASN C 128 2.26 3.31 6.08
CA ASN C 128 2.69 3.88 4.81
C ASN C 128 4.19 3.67 4.63
N ASN C 129 4.57 3.02 3.53
CA ASN C 129 5.97 2.82 3.19
C ASN C 129 6.80 2.29 4.36
N PRO C 130 6.43 1.15 4.93
CA PRO C 130 7.28 0.57 5.97
C PRO C 130 8.61 0.16 5.37
N THR C 131 9.58 -0.08 6.23
CA THR C 131 10.84 -0.62 5.75
C THR C 131 10.60 -1.96 5.08
N GLU C 132 11.61 -2.43 4.34
CA GLU C 132 11.47 -3.68 3.61
C GLU C 132 11.29 -4.85 4.57
N ASP C 133 12.08 -4.89 5.63
CA ASP C 133 11.97 -6.00 6.55
C ASP C 133 10.65 -5.95 7.30
N PHE C 134 10.25 -4.77 7.77
CA PHE C 134 8.96 -4.66 8.46
C PHE C 134 7.81 -4.95 7.50
N ARG C 135 7.94 -4.51 6.25
CA ARG C 135 6.92 -4.83 5.27
C ARG C 135 6.81 -6.33 5.08
N ARG C 136 7.93 -7.04 5.04
CA ARG C 136 7.86 -8.49 4.86
C ARG C 136 7.18 -9.16 6.05
N LYS C 137 7.48 -8.69 7.27
CA LYS C 137 6.81 -9.22 8.45
C LYS C 137 5.31 -8.99 8.40
N LEU C 138 4.90 -7.75 8.12
CA LEU C 138 3.48 -7.41 8.06
C LEU C 138 2.75 -8.28 7.05
N LEU C 139 3.38 -8.58 5.92
CA LEU C 139 2.65 -9.30 4.88
C LEU C 139 2.65 -10.81 5.11
N LYS C 140 3.33 -11.33 6.13
CA LYS C 140 3.16 -12.73 6.50
C LYS C 140 1.91 -12.96 7.34
N ALA C 141 1.30 -11.90 7.88
CA ALA C 141 0.11 -12.01 8.71
C ALA C 141 -1.16 -11.87 7.90
N LYS D 4 -27.09 -4.23 31.19
CA LYS D 4 -26.32 -3.13 31.75
C LYS D 4 -25.12 -3.67 32.53
N GLN D 5 -24.26 -2.77 32.99
CA GLN D 5 -22.96 -3.09 33.56
C GLN D 5 -22.93 -2.93 35.06
N THR D 6 -21.92 -3.56 35.64
CA THR D 6 -21.51 -3.36 37.02
C THR D 6 -21.04 -1.93 37.20
N ALA D 7 -20.73 -1.56 38.43
CA ALA D 7 -20.01 -0.34 38.70
C ALA D 7 -18.63 -0.42 38.05
N ARG D 8 -17.96 0.74 38.01
CA ARG D 8 -16.61 0.76 37.49
C ARG D 8 -15.65 1.12 38.62
N SER D 10 -13.15 2.64 41.31
CA SER D 10 -13.12 3.96 41.95
C SER D 10 -11.84 4.72 41.62
#